data_1XF0
#
_entry.id   1XF0
#
_cell.length_a   110.579
_cell.length_b   110.579
_cell.length_c   56.886
_cell.angle_alpha   90.00
_cell.angle_beta   90.00
_cell.angle_gamma   120.00
#
_symmetry.space_group_name_H-M   'P 63'
#
loop_
_entity.id
_entity.type
_entity.pdbx_description
1 polymer 'Aldo-keto reductase family 1 member C3'
2 non-polymer 'ACETATE ION'
3 non-polymer 'NADP NICOTINAMIDE-ADENINE-DINUCLEOTIDE PHOSPHATE'
4 non-polymer 4-ANDROSTENE-3-17-DIONE
5 water water
#
_entity_poly.entity_id   1
_entity_poly.type   'polypeptide(L)'
_entity_poly.pdbx_seq_one_letter_code
;MDSKQQCVKLNDGHFMPVLGFGTYAPPEVPRSKALEVTKLAIEAGFRHIDSAHLYNNEEQVGLAIRSKIADGSVKREDIF
YTSKLWSTFHRPELVRPALENSLKKAQLDYVDLYLIHSPMSLKPGEELSPTDENGKVIFDIVDLCTTWEAMEKCKDAGLA
KSIGVSNFNRRQLEMILNKPGLKYKPVCNQVECHPYFNRSKLLDFCKSKDIVLVAYSALGSQRDKRWVDPNSPVLLEDPV
LCALAKKHKRTPALIALRYQLQRGVVVLAKSYNEQRIRQNVQVFEFQLTAEDMKAIDGLDRNLHYFNSDSFASHPNYPYS
DEY
;
_entity_poly.pdbx_strand_id   A
#
loop_
_chem_comp.id
_chem_comp.type
_chem_comp.name
_chem_comp.formula
ACT non-polymer 'ACETATE ION' 'C2 H3 O2 -1'
ASD non-polymer 4-ANDROSTENE-3-17-DIONE 'C19 H26 O2'
NAP non-polymer 'NADP NICOTINAMIDE-ADENINE-DINUCLEOTIDE PHOSPHATE' 'C21 H28 N7 O17 P3'
#
# COMPACT_ATOMS: atom_id res chain seq x y z
N GLN A 5 1.11 17.09 -3.88
CA GLN A 5 1.75 18.36 -3.48
C GLN A 5 2.90 18.25 -2.45
N GLN A 6 2.63 18.01 -1.15
CA GLN A 6 3.71 17.51 -0.29
C GLN A 6 4.08 16.10 -0.78
N CYS A 7 5.33 15.97 -1.24
CA CYS A 7 5.83 14.74 -1.89
C CYS A 7 7.17 14.33 -1.33
N VAL A 8 7.48 13.04 -1.38
CA VAL A 8 8.86 12.59 -1.12
C VAL A 8 9.58 12.29 -2.43
N LYS A 9 10.89 12.51 -2.48
CA LYS A 9 11.63 12.14 -3.67
C LYS A 9 12.03 10.68 -3.53
N LEU A 10 11.60 9.87 -4.49
CA LEU A 10 11.94 8.43 -4.52
C LEU A 10 13.39 8.24 -4.94
N ASN A 11 13.96 7.07 -4.61
CA ASN A 11 15.38 6.80 -4.89
C ASN A 11 15.71 6.70 -6.41
N ASP A 12 14.68 6.80 -7.25
CA ASP A 12 14.79 6.85 -8.71
C ASP A 12 14.56 8.26 -9.32
N GLY A 13 14.45 9.26 -8.46
CA GLY A 13 14.27 10.65 -8.87
C GLY A 13 12.82 11.04 -9.11
N HIS A 14 11.90 10.07 -9.04
CA HIS A 14 10.48 10.40 -9.14
C HIS A 14 9.96 10.87 -7.79
N PHE A 15 8.84 11.57 -7.80
CA PHE A 15 8.20 12.13 -6.59
C PHE A 15 6.84 11.50 -6.29
N MET A 16 6.59 11.18 -5.04
CA MET A 16 5.38 10.51 -4.62
C MET A 16 4.66 11.36 -3.55
N PRO A 17 3.38 11.71 -3.78
CA PRO A 17 2.64 12.40 -2.72
C PRO A 17 2.54 11.58 -1.45
N VAL A 18 2.72 12.25 -0.30
CA VAL A 18 2.86 11.58 1.01
C VAL A 18 1.51 11.05 1.57
N LEU A 19 0.41 11.57 1.00
CA LEU A 19 -0.93 11.09 1.34
C LEU A 19 -1.55 10.37 0.12
N GLY A 20 -2.02 9.14 0.32
CA GLY A 20 -2.54 8.35 -0.78
C GLY A 20 -3.96 7.88 -0.52
N PHE A 21 -4.71 7.63 -1.58
CA PHE A 21 -6.10 7.21 -1.39
C PHE A 21 -6.24 5.70 -1.60
N GLY A 22 -6.81 4.99 -0.64
CA GLY A 22 -6.99 3.54 -0.75
C GLY A 22 -8.32 3.24 -1.42
N THR A 23 -8.26 2.52 -2.54
CA THR A 23 -9.45 2.26 -3.38
C THR A 23 -10.17 0.95 -3.11
N TYR A 24 -9.55 0.07 -2.32
CA TYR A 24 -10.12 -1.25 -2.11
C TYR A 24 -11.29 -1.25 -1.15
N ALA A 25 -12.38 -1.91 -1.56
CA ALA A 25 -13.43 -2.31 -0.60
C ALA A 25 -13.92 -3.73 -0.92
N PRO A 26 -14.46 -4.43 0.10
CA PRO A 26 -14.98 -5.80 0.05
C PRO A 26 -15.96 -6.02 -1.12
N PRO A 27 -15.99 -7.25 -1.68
CA PRO A 27 -16.71 -7.49 -2.94
C PRO A 27 -18.18 -7.03 -2.93
N GLU A 28 -18.75 -6.88 -1.72
CA GLU A 28 -20.13 -6.41 -1.53
C GLU A 28 -20.47 -5.11 -2.28
N SER A 32 -17.30 1.67 -9.81
CA SER A 32 -18.74 1.71 -9.59
C SER A 32 -18.97 2.68 -8.42
N LYS A 33 -19.01 2.11 -7.20
CA LYS A 33 -18.74 2.85 -5.99
C LYS A 33 -17.26 3.34 -6.00
N ALA A 34 -16.33 2.44 -6.34
CA ALA A 34 -14.92 2.79 -6.66
C ALA A 34 -14.78 4.01 -7.59
N LEU A 35 -15.54 4.02 -8.70
CA LEU A 35 -15.59 5.16 -9.57
C LEU A 35 -15.96 6.43 -8.84
N GLU A 36 -17.09 6.42 -8.14
CA GLU A 36 -17.63 7.59 -7.47
C GLU A 36 -16.65 8.14 -6.42
N VAL A 37 -16.13 7.26 -5.58
CA VAL A 37 -15.38 7.71 -4.41
C VAL A 37 -13.95 8.12 -4.80
N THR A 38 -13.43 7.54 -5.88
CA THR A 38 -12.11 7.94 -6.40
C THR A 38 -12.17 9.36 -6.97
N LYS A 39 -13.23 9.68 -7.71
CA LYS A 39 -13.44 11.10 -8.15
C LYS A 39 -13.62 12.02 -6.94
N LEU A 40 -14.40 11.59 -5.94
CA LEU A 40 -14.50 12.44 -4.73
C LEU A 40 -13.13 12.68 -4.09
N ALA A 41 -12.32 11.62 -4.05
CA ALA A 41 -10.99 11.70 -3.44
C ALA A 41 -10.15 12.74 -4.15
N ILE A 42 -10.13 12.68 -5.47
CA ILE A 42 -9.35 13.64 -6.28
C ILE A 42 -9.89 15.06 -6.08
N GLU A 43 -11.21 15.18 -6.09
CA GLU A 43 -11.89 16.46 -5.82
C GLU A 43 -11.48 17.01 -4.44
N ALA A 44 -11.41 16.16 -3.42
CA ALA A 44 -10.94 16.57 -2.08
C ALA A 44 -9.47 16.99 -2.01
N GLY A 45 -8.65 16.56 -2.97
CA GLY A 45 -7.22 16.90 -2.94
C GLY A 45 -6.23 15.73 -2.97
N PHE A 46 -6.72 14.49 -2.98
CA PHE A 46 -5.82 13.31 -3.09
C PHE A 46 -5.22 13.27 -4.47
N ARG A 47 -3.92 12.97 -4.54
CA ARG A 47 -3.22 12.94 -5.81
C ARG A 47 -2.57 11.59 -6.03
N HIS A 48 -2.48 10.82 -4.96
CA HIS A 48 -1.82 9.54 -4.98
C HIS A 48 -2.97 8.52 -4.82
N ILE A 49 -3.12 7.60 -5.77
CA ILE A 49 -4.28 6.70 -5.79
C ILE A 49 -3.75 5.25 -5.85
N ASP A 50 -4.21 4.40 -4.94
CA ASP A 50 -3.65 3.04 -4.78
C ASP A 50 -4.66 1.99 -5.15
N SER A 51 -4.32 1.21 -6.17
CA SER A 51 -5.15 0.10 -6.66
C SER A 51 -4.25 -1.16 -6.81
N ALA A 52 -4.80 -2.20 -7.43
CA ALA A 52 -4.11 -3.49 -7.56
C ALA A 52 -4.99 -4.42 -8.39
N HIS A 53 -4.35 -5.37 -9.07
CA HIS A 53 -5.08 -6.45 -9.74
C HIS A 53 -6.04 -7.17 -8.78
N LEU A 54 -5.56 -7.39 -7.56
CA LEU A 54 -6.34 -8.05 -6.52
C LEU A 54 -7.70 -7.41 -6.30
N TYR A 55 -7.80 -6.09 -6.46
CA TYR A 55 -9.01 -5.36 -6.06
C TYR A 55 -10.13 -5.45 -7.09
N ASN A 56 -9.83 -5.89 -8.31
CA ASN A 56 -10.84 -6.02 -9.37
C ASN A 56 -11.55 -4.67 -9.55
N ASN A 57 -10.81 -3.58 -9.41
CA ASN A 57 -11.44 -2.26 -9.51
C ASN A 57 -10.68 -1.32 -10.42
N GLU A 58 -9.68 -1.83 -11.13
CA GLU A 58 -8.78 -0.99 -11.92
C GLU A 58 -9.51 -0.25 -13.07
N GLU A 59 -10.54 -0.88 -13.65
CA GLU A 59 -11.36 -0.21 -14.69
C GLU A 59 -12.02 1.02 -14.10
N GLN A 60 -12.64 0.86 -12.93
CA GLN A 60 -13.39 1.91 -12.28
C GLN A 60 -12.50 3.04 -11.69
N VAL A 61 -11.35 2.65 -11.15
CA VAL A 61 -10.36 3.59 -10.59
C VAL A 61 -9.69 4.35 -11.74
N GLY A 62 -9.26 3.62 -12.79
CA GLY A 62 -8.74 4.21 -14.00
C GLY A 62 -9.73 5.22 -14.63
N LEU A 63 -10.99 4.81 -14.73
CA LEU A 63 -12.08 5.68 -15.18
C LEU A 63 -12.19 6.96 -14.38
N ALA A 64 -12.15 6.84 -13.05
CA ALA A 64 -12.24 8.00 -12.15
C ALA A 64 -11.10 8.99 -12.39
N ILE A 65 -9.88 8.47 -12.52
CA ILE A 65 -8.68 9.31 -12.76
C ILE A 65 -8.77 10.00 -14.12
N ARG A 66 -9.11 9.25 -15.15
CA ARG A 66 -9.13 9.80 -16.51
C ARG A 66 -10.25 10.84 -16.61
N SER A 67 -11.33 10.58 -15.89
CA SER A 67 -12.46 11.50 -15.85
C SER A 67 -12.08 12.86 -15.24
N LYS A 68 -11.28 12.83 -14.17
CA LYS A 68 -10.80 14.05 -13.53
C LYS A 68 -9.70 14.74 -14.34
N ILE A 69 -8.98 14.00 -15.18
CA ILE A 69 -8.08 14.63 -16.17
C ILE A 69 -8.87 15.24 -17.38
N ALA A 70 -9.74 14.44 -18.01
CA ALA A 70 -10.62 14.91 -19.10
C ALA A 70 -11.45 16.17 -18.74
N ASP A 71 -11.97 16.26 -17.52
CA ASP A 71 -12.72 17.46 -17.10
C ASP A 71 -11.83 18.63 -16.65
N GLY A 72 -10.51 18.46 -16.76
CA GLY A 72 -9.55 19.51 -16.53
C GLY A 72 -9.17 19.73 -15.08
N SER A 73 -9.69 18.90 -14.16
CA SER A 73 -9.39 19.07 -12.73
C SER A 73 -7.89 18.89 -12.43
N VAL A 74 -7.28 17.89 -13.07
CA VAL A 74 -5.85 17.56 -12.88
C VAL A 74 -5.26 17.19 -14.23
N LYS A 75 -3.94 17.26 -14.35
CA LYS A 75 -3.24 16.72 -15.50
C LYS A 75 -2.70 15.34 -15.09
N ARG A 76 -2.40 14.50 -16.06
CA ARG A 76 -1.88 13.15 -15.78
C ARG A 76 -0.64 13.21 -14.87
N GLU A 77 0.26 14.16 -15.10
CA GLU A 77 1.52 14.22 -14.35
C GLU A 77 1.31 14.65 -12.91
N ASP A 78 0.09 15.12 -12.60
CA ASP A 78 -0.30 15.50 -11.23
C ASP A 78 -0.83 14.33 -10.41
N ILE A 79 -1.19 13.24 -11.09
CA ILE A 79 -1.74 12.05 -10.45
C ILE A 79 -0.63 11.04 -10.27
N PHE A 80 -0.59 10.38 -9.10
CA PHE A 80 0.41 9.34 -8.91
C PHE A 80 -0.40 8.04 -8.73
N TYR A 81 -0.38 7.19 -9.77
CA TYR A 81 -1.24 6.03 -9.82
C TYR A 81 -0.44 4.74 -9.58
N THR A 82 -0.87 3.94 -8.61
CA THR A 82 -0.18 2.70 -8.25
C THR A 82 -1.06 1.49 -8.56
N SER A 83 -0.46 0.47 -9.19
CA SER A 83 -1.07 -0.87 -9.17
C SER A 83 -0.04 -1.89 -8.71
N LYS A 84 -0.47 -3.15 -8.65
CA LYS A 84 0.29 -4.20 -8.04
C LYS A 84 0.16 -5.50 -8.82
N LEU A 85 1.31 -6.13 -8.98
CA LEU A 85 1.44 -7.47 -9.54
C LEU A 85 0.96 -8.49 -8.52
N TRP A 86 -0.10 -9.24 -8.87
CA TRP A 86 -0.67 -10.24 -7.93
C TRP A 86 0.25 -11.49 -7.83
N SER A 87 0.18 -12.16 -6.69
CA SER A 87 1.12 -13.20 -6.30
C SER A 87 1.07 -14.49 -7.14
N THR A 88 0.00 -14.68 -7.91
CA THR A 88 -0.07 -15.77 -8.92
C THR A 88 0.63 -15.42 -10.26
N PHE A 89 1.21 -14.20 -10.37
CA PHE A 89 1.89 -13.78 -11.60
C PHE A 89 3.38 -13.48 -11.36
N HIS A 90 4.01 -14.18 -10.42
CA HIS A 90 5.45 -13.94 -10.12
C HIS A 90 6.43 -14.53 -11.15
N ARG A 91 6.00 -15.56 -11.87
CA ARG A 91 6.91 -16.09 -12.89
C ARG A 91 7.23 -15.02 -13.91
N PRO A 92 8.54 -14.82 -14.17
CA PRO A 92 9.04 -13.67 -14.92
C PRO A 92 8.27 -13.39 -16.20
N GLU A 93 7.91 -14.45 -16.94
CA GLU A 93 7.18 -14.31 -18.21
C GLU A 93 5.76 -13.79 -18.07
N LEU A 94 5.18 -13.91 -16.87
CA LEU A 94 3.84 -13.38 -16.59
C LEU A 94 3.73 -11.89 -16.22
N VAL A 95 4.84 -11.31 -15.80
CA VAL A 95 4.90 -9.96 -15.19
C VAL A 95 4.52 -8.82 -16.16
N ARG A 96 5.22 -8.69 -17.29
CA ARG A 96 4.81 -7.66 -18.27
C ARG A 96 3.37 -7.78 -18.80
N PRO A 97 2.94 -8.99 -19.18
CA PRO A 97 1.55 -9.19 -19.55
C PRO A 97 0.60 -8.81 -18.42
N ALA A 98 0.94 -9.11 -17.15
CA ALA A 98 0.06 -8.65 -16.03
C ALA A 98 0.00 -7.11 -15.90
N LEU A 99 1.14 -6.44 -16.06
CA LEU A 99 1.17 -4.97 -16.12
C LEU A 99 0.36 -4.43 -17.30
N GLU A 100 0.60 -4.99 -18.48
CA GLU A 100 -0.11 -4.55 -19.69
C GLU A 100 -1.62 -4.73 -19.51
N ASN A 101 -2.04 -5.79 -18.83
CA ASN A 101 -3.46 -6.01 -18.60
C ASN A 101 -4.06 -4.99 -17.60
N SER A 102 -3.28 -4.66 -16.55
CA SER A 102 -3.60 -3.58 -15.61
C SER A 102 -3.78 -2.24 -16.33
N LEU A 103 -2.84 -1.96 -17.23
CA LEU A 103 -2.89 -0.71 -18.04
C LEU A 103 -4.05 -0.68 -18.99
N LYS A 104 -4.33 -1.82 -19.60
CA LYS A 104 -5.46 -1.94 -20.51
C LYS A 104 -6.77 -1.69 -19.74
N LYS A 105 -6.93 -2.32 -18.58
CA LYS A 105 -8.11 -2.04 -17.74
C LYS A 105 -8.30 -0.57 -17.36
N ALA A 106 -7.22 0.08 -16.92
CA ALA A 106 -7.27 1.47 -16.47
C ALA A 106 -7.32 2.43 -17.66
N GLN A 107 -6.97 1.92 -18.84
CA GLN A 107 -6.83 2.74 -20.06
C GLN A 107 -5.76 3.86 -19.93
N LEU A 108 -4.65 3.51 -19.29
CA LEU A 108 -3.54 4.43 -19.13
C LEU A 108 -2.31 3.89 -19.82
N ASP A 109 -1.41 4.80 -20.17
CA ASP A 109 -0.17 4.43 -20.86
C ASP A 109 0.87 3.85 -19.91
N TYR A 110 0.81 4.25 -18.66
CA TYR A 110 1.84 3.85 -17.66
C TYR A 110 1.23 3.99 -16.28
N VAL A 111 1.76 3.23 -15.32
CA VAL A 111 1.44 3.47 -13.92
C VAL A 111 2.58 4.29 -13.37
N ASP A 112 2.32 5.09 -12.36
CA ASP A 112 3.42 5.75 -11.66
C ASP A 112 4.25 4.78 -10.83
N LEU A 113 3.59 3.75 -10.33
CA LEU A 113 4.26 2.80 -9.42
C LEU A 113 3.69 1.42 -9.62
N TYR A 114 4.55 0.43 -9.80
CA TYR A 114 4.07 -0.96 -9.89
C TYR A 114 4.78 -1.76 -8.81
N LEU A 115 4.00 -2.46 -7.98
CA LEU A 115 4.52 -3.16 -6.81
C LEU A 115 4.42 -4.69 -7.00
N ILE A 116 5.43 -5.41 -6.52
CA ILE A 116 5.18 -6.80 -6.12
C ILE A 116 4.23 -6.77 -4.91
N HIS A 117 2.98 -7.22 -5.09
CA HIS A 117 1.95 -7.07 -4.04
C HIS A 117 2.35 -7.80 -2.74
N SER A 118 2.99 -8.96 -2.87
CA SER A 118 3.37 -9.74 -1.71
C SER A 118 4.58 -10.65 -1.99
N PRO A 119 5.36 -11.01 -0.93
CA PRO A 119 6.49 -11.94 -1.19
C PRO A 119 6.10 -13.42 -1.24
N MET A 120 4.79 -13.69 -1.18
CA MET A 120 4.25 -15.05 -1.05
C MET A 120 3.72 -15.50 -2.42
N SER A 121 4.62 -16.05 -3.23
CA SER A 121 4.26 -16.54 -4.55
C SER A 121 3.20 -17.60 -4.46
N LEU A 122 2.23 -17.54 -5.36
CA LEU A 122 1.17 -18.53 -5.46
C LEU A 122 1.15 -19.18 -6.83
N LYS A 123 0.69 -20.43 -6.90
CA LYS A 123 0.62 -21.17 -8.15
C LYS A 123 -0.18 -20.37 -9.20
N PRO A 124 0.33 -20.28 -10.44
CA PRO A 124 -0.38 -19.54 -11.49
C PRO A 124 -1.71 -20.15 -11.83
N GLY A 125 -2.60 -19.34 -12.40
CA GLY A 125 -3.95 -19.80 -12.70
C GLY A 125 -4.97 -18.69 -12.57
N GLU A 126 -6.24 -19.07 -12.69
CA GLU A 126 -7.33 -18.10 -12.72
C GLU A 126 -7.79 -17.77 -11.32
N GLU A 127 -7.47 -18.62 -10.35
CA GLU A 127 -7.82 -18.33 -8.96
C GLU A 127 -6.86 -17.31 -8.36
N LEU A 128 -7.40 -16.35 -7.61
CA LEU A 128 -6.58 -15.34 -6.94
C LEU A 128 -5.81 -15.93 -5.78
N SER A 129 -6.46 -16.74 -4.94
CA SER A 129 -5.70 -17.45 -3.91
C SER A 129 -5.98 -18.95 -3.91
N PRO A 130 -5.28 -19.69 -4.81
CA PRO A 130 -5.52 -21.12 -4.86
C PRO A 130 -5.21 -21.70 -3.48
N THR A 131 -6.17 -22.44 -2.91
CA THR A 131 -5.97 -23.09 -1.62
C THR A 131 -6.24 -24.59 -1.69
N ASP A 132 -5.50 -25.35 -0.88
CA ASP A 132 -5.69 -26.81 -0.76
C ASP A 132 -6.90 -27.15 0.15
N GLU A 133 -7.11 -28.46 0.35
CA GLU A 133 -8.23 -29.00 1.14
C GLU A 133 -8.15 -28.61 2.64
N ASN A 134 -6.95 -28.20 3.07
CA ASN A 134 -6.67 -27.75 4.45
C ASN A 134 -6.70 -26.23 4.65
N GLY A 135 -7.25 -25.50 3.67
CA GLY A 135 -7.28 -24.03 3.69
C GLY A 135 -5.96 -23.28 3.47
N LYS A 136 -4.84 -24.00 3.31
CA LYS A 136 -3.52 -23.38 3.11
C LYS A 136 -3.30 -23.02 1.63
N VAL A 137 -2.79 -21.82 1.36
CA VAL A 137 -2.54 -21.41 -0.05
C VAL A 137 -1.58 -22.38 -0.73
N ILE A 138 -1.84 -22.66 -2.00
CA ILE A 138 -0.92 -23.45 -2.81
C ILE A 138 0.16 -22.50 -3.31
N PHE A 139 1.37 -22.68 -2.78
CA PHE A 139 2.44 -21.73 -3.04
C PHE A 139 3.33 -22.15 -4.18
N ASP A 140 4.13 -21.21 -4.66
CA ASP A 140 4.99 -21.42 -5.81
C ASP A 140 6.42 -21.16 -5.35
N ILE A 141 7.39 -21.71 -6.07
CA ILE A 141 8.80 -21.61 -5.64
C ILE A 141 9.65 -20.68 -6.49
N VAL A 142 9.00 -19.93 -7.38
CA VAL A 142 9.70 -18.94 -8.21
C VAL A 142 10.66 -18.07 -7.38
N ASP A 143 11.89 -17.94 -7.86
CA ASP A 143 12.88 -17.05 -7.29
C ASP A 143 12.41 -15.60 -7.46
N LEU A 144 12.15 -14.92 -6.35
CA LEU A 144 11.71 -13.51 -6.38
C LEU A 144 12.67 -12.53 -7.08
N CYS A 145 13.96 -12.88 -7.10
CA CYS A 145 14.91 -12.05 -7.86
C CYS A 145 14.61 -12.02 -9.36
N THR A 146 14.12 -13.15 -9.88
CA THR A 146 13.77 -13.18 -11.31
C THR A 146 12.47 -12.39 -11.55
N THR A 147 11.54 -12.45 -10.60
CA THR A 147 10.35 -11.58 -10.64
C THR A 147 10.74 -10.09 -10.67
N TRP A 148 11.69 -9.74 -9.81
CA TRP A 148 12.22 -8.39 -9.73
C TRP A 148 12.90 -7.94 -11.04
N GLU A 149 13.77 -8.81 -11.60
CA GLU A 149 14.36 -8.52 -12.91
C GLU A 149 13.30 -8.19 -13.94
N ALA A 150 12.20 -8.94 -13.95
CA ALA A 150 11.07 -8.62 -14.86
C ALA A 150 10.38 -7.27 -14.53
N MET A 151 10.37 -6.89 -13.25
CA MET A 151 9.89 -5.57 -12.84
C MET A 151 10.82 -4.48 -13.38
N GLU A 152 12.11 -4.70 -13.28
CA GLU A 152 13.11 -3.80 -13.88
C GLU A 152 12.84 -3.57 -15.37
N LYS A 153 12.49 -4.63 -16.09
CA LYS A 153 12.30 -4.51 -17.53
C LYS A 153 11.04 -3.71 -17.79
N CYS A 154 10.08 -3.76 -16.87
CA CYS A 154 8.84 -2.99 -17.05
C CYS A 154 9.13 -1.51 -16.89
N LYS A 155 10.06 -1.17 -16.00
CA LYS A 155 10.45 0.22 -15.79
C LYS A 155 11.20 0.72 -17.04
N ASP A 156 12.14 -0.08 -17.53
CA ASP A 156 12.87 0.28 -18.76
C ASP A 156 11.97 0.42 -19.98
N ALA A 157 10.89 -0.35 -20.06
CA ALA A 157 9.94 -0.22 -21.15
C ALA A 157 9.01 1.01 -21.01
N GLY A 158 9.13 1.73 -19.89
CA GLY A 158 8.28 2.91 -19.65
C GLY A 158 6.86 2.62 -19.23
N LEU A 159 6.55 1.37 -18.92
CA LEU A 159 5.20 0.97 -18.54
C LEU A 159 4.90 1.33 -17.07
N ALA A 160 5.98 1.52 -16.30
CA ALA A 160 5.89 1.91 -14.88
C ALA A 160 6.99 2.94 -14.62
N LYS A 161 6.63 4.13 -14.13
CA LYS A 161 7.65 5.15 -13.83
C LYS A 161 8.59 4.67 -12.72
N SER A 162 8.02 4.02 -11.70
CA SER A 162 8.83 3.48 -10.59
C SER A 162 8.33 2.09 -10.22
N ILE A 163 9.19 1.34 -9.57
CA ILE A 163 8.83 -0.01 -9.15
C ILE A 163 9.21 -0.21 -7.69
N GLY A 164 8.41 -0.98 -6.96
CA GLY A 164 8.72 -1.26 -5.56
C GLY A 164 8.08 -2.55 -5.11
N VAL A 165 8.02 -2.75 -3.80
CA VAL A 165 7.48 -4.00 -3.25
C VAL A 165 6.43 -3.72 -2.19
N SER A 166 5.77 -4.78 -1.73
CA SER A 166 4.81 -4.63 -0.69
C SER A 166 4.80 -5.86 0.20
N ASN A 167 4.59 -5.65 1.49
CA ASN A 167 4.61 -6.75 2.46
C ASN A 167 5.94 -7.48 2.65
N PHE A 168 7.04 -6.88 2.27
CA PHE A 168 8.35 -7.50 2.49
C PHE A 168 8.87 -7.19 3.90
N ASN A 169 9.52 -8.19 4.53
CA ASN A 169 10.24 -7.93 5.76
C ASN A 169 11.71 -7.60 5.43
N ARG A 170 12.56 -7.35 6.45
CA ARG A 170 13.96 -7.03 6.19
C ARG A 170 14.68 -8.10 5.35
N ARG A 171 14.52 -9.36 5.75
CA ARG A 171 15.18 -10.44 5.03
C ARG A 171 14.79 -10.39 3.55
N GLN A 172 13.50 -10.23 3.29
CA GLN A 172 13.01 -10.32 1.93
C GLN A 172 13.48 -9.13 1.14
N LEU A 173 13.50 -7.95 1.76
CA LEU A 173 14.17 -6.80 1.13
C LEU A 173 15.66 -7.05 0.81
N GLU A 174 16.41 -7.63 1.74
CA GLU A 174 17.86 -7.85 1.55
C GLU A 174 18.14 -8.76 0.36
N MET A 175 17.28 -9.77 0.16
CA MET A 175 17.35 -10.61 -1.03
C MET A 175 17.36 -9.79 -2.33
N ILE A 176 16.46 -8.81 -2.46
CA ILE A 176 16.46 -7.94 -3.65
C ILE A 176 17.66 -7.02 -3.69
N LEU A 177 17.93 -6.33 -2.57
CA LEU A 177 19.07 -5.40 -2.48
C LEU A 177 20.42 -6.05 -2.78
N ASN A 178 20.58 -7.30 -2.36
CA ASN A 178 21.81 -8.09 -2.54
C ASN A 178 21.87 -8.93 -3.84
N LYS A 179 20.92 -8.73 -4.74
CA LYS A 179 20.88 -9.47 -5.99
C LYS A 179 22.03 -9.06 -6.91
N PRO A 180 22.81 -10.04 -7.42
CA PRO A 180 23.86 -9.68 -8.38
C PRO A 180 23.25 -9.02 -9.63
N GLY A 181 23.82 -7.91 -10.08
CA GLY A 181 23.31 -7.29 -11.31
C GLY A 181 22.10 -6.40 -11.11
N LEU A 182 21.74 -6.17 -9.85
CA LEU A 182 20.59 -5.29 -9.51
C LEU A 182 20.67 -3.98 -10.30
N LYS A 183 19.64 -3.67 -11.07
CA LYS A 183 19.60 -2.40 -11.78
C LYS A 183 18.85 -1.32 -10.96
N TYR A 184 17.66 -1.64 -10.44
CA TYR A 184 16.89 -0.67 -9.67
C TYR A 184 16.49 -1.19 -8.30
N LYS A 185 16.76 -0.41 -7.25
CA LYS A 185 16.25 -0.73 -5.91
C LYS A 185 14.73 -0.51 -5.88
N PRO A 186 13.99 -1.25 -5.03
CA PRO A 186 12.57 -0.85 -4.89
C PRO A 186 12.47 0.59 -4.38
N VAL A 187 11.53 1.39 -4.89
CA VAL A 187 11.44 2.76 -4.35
C VAL A 187 10.76 2.74 -3.01
N CYS A 188 9.99 1.69 -2.73
CA CYS A 188 9.15 1.71 -1.55
C CYS A 188 8.85 0.28 -1.08
N ASN A 189 8.45 0.16 0.18
CA ASN A 189 7.87 -1.08 0.73
C ASN A 189 6.53 -0.72 1.37
N GLN A 190 5.41 -1.14 0.75
CA GLN A 190 4.08 -0.86 1.26
C GLN A 190 3.65 -1.96 2.21
N VAL A 191 3.49 -1.60 3.48
CA VAL A 191 3.31 -2.58 4.51
C VAL A 191 2.19 -2.16 5.48
N GLU A 192 1.60 -3.13 6.18
CA GLU A 192 0.68 -2.80 7.28
C GLU A 192 1.40 -1.96 8.34
N CYS A 193 0.84 -0.80 8.67
CA CYS A 193 1.52 0.10 9.57
C CYS A 193 0.54 1.09 10.20
N HIS A 194 0.53 1.09 11.52
CA HIS A 194 -0.41 1.89 12.30
C HIS A 194 0.11 1.91 13.76
N PRO A 195 -0.52 2.70 14.65
CA PRO A 195 -0.05 2.75 16.04
C PRO A 195 -0.04 1.42 16.84
N TYR A 196 -0.81 0.43 16.40
CA TYR A 196 -0.73 -0.90 17.04
C TYR A 196 0.33 -1.84 16.42
N PHE A 197 0.99 -1.38 15.36
CA PHE A 197 1.95 -2.18 14.60
C PHE A 197 2.81 -1.17 13.87
N ASN A 198 3.65 -0.42 14.59
CA ASN A 198 4.30 0.74 13.96
C ASN A 198 5.52 0.47 13.08
N ARG A 199 6.01 -0.77 13.08
CA ARG A 199 7.15 -1.19 12.23
C ARG A 199 8.42 -0.35 12.40
N SER A 200 8.71 0.13 13.61
CA SER A 200 9.83 1.08 13.79
C SER A 200 11.16 0.51 13.30
N LYS A 201 11.44 -0.74 13.60
CA LYS A 201 12.70 -1.35 13.16
C LYS A 201 12.75 -1.47 11.63
N LEU A 202 11.66 -1.93 11.01
CA LEU A 202 11.63 -2.05 9.57
C LEU A 202 11.72 -0.66 8.92
N LEU A 203 11.05 0.32 9.53
CA LEU A 203 11.13 1.70 9.03
C LEU A 203 12.56 2.24 9.06
N ASP A 204 13.27 2.00 10.16
CA ASP A 204 14.68 2.44 10.27
C ASP A 204 15.53 1.76 9.18
N PHE A 205 15.31 0.47 8.99
CA PHE A 205 16.01 -0.26 7.94
C PHE A 205 15.71 0.33 6.57
N CYS A 206 14.42 0.48 6.23
CA CYS A 206 14.07 1.10 4.94
C CYS A 206 14.71 2.47 4.74
N LYS A 207 14.66 3.33 5.76
CA LYS A 207 15.30 4.66 5.64
C LYS A 207 16.81 4.49 5.37
N SER A 208 17.45 3.51 6.00
CA SER A 208 18.91 3.34 5.83
C SER A 208 19.26 2.99 4.39
N LYS A 209 18.27 2.47 3.66
CA LYS A 209 18.43 2.00 2.28
C LYS A 209 17.78 2.91 1.24
N ASP A 210 17.27 4.07 1.68
CA ASP A 210 16.59 5.01 0.78
C ASP A 210 15.32 4.34 0.15
N ILE A 211 14.63 3.54 0.95
CA ILE A 211 13.34 2.92 0.58
C ILE A 211 12.23 3.58 1.43
N VAL A 212 11.21 4.09 0.79
CA VAL A 212 10.09 4.72 1.48
C VAL A 212 9.14 3.62 1.99
N LEU A 213 8.74 3.74 3.25
CA LEU A 213 7.76 2.88 3.83
C LEU A 213 6.41 3.54 3.60
N VAL A 214 5.47 2.76 3.07
CA VAL A 214 4.14 3.25 2.72
C VAL A 214 3.16 2.44 3.56
N ALA A 215 2.35 3.11 4.36
CA ALA A 215 1.52 2.45 5.38
C ALA A 215 0.14 2.16 4.84
N TYR A 216 -0.29 0.89 4.94
CA TYR A 216 -1.69 0.58 4.72
C TYR A 216 -2.29 0.09 6.03
N SER A 217 -3.62 0.03 6.06
CA SER A 217 -4.39 -0.25 7.30
C SER A 217 -3.98 0.78 8.38
N ALA A 218 -3.66 1.99 7.91
CA ALA A 218 -3.24 3.11 8.81
C ALA A 218 -4.33 3.59 9.73
N LEU A 219 -5.58 3.26 9.36
CA LEU A 219 -6.76 3.57 10.20
C LEU A 219 -7.32 2.32 10.87
N GLY A 220 -6.58 1.21 10.81
CA GLY A 220 -6.91 0.01 11.59
C GLY A 220 -7.51 -1.11 10.77
N SER A 221 -7.51 -0.93 9.44
CA SER A 221 -8.04 -1.92 8.47
C SER A 221 -9.56 -1.89 8.41
N GLN A 222 -10.08 -2.55 7.37
CA GLN A 222 -11.52 -2.67 7.24
C GLN A 222 -12.04 -3.90 8.01
N ARG A 223 -11.15 -4.66 8.64
CA ARG A 223 -11.58 -5.76 9.52
C ARG A 223 -12.46 -6.78 8.80
N ASP A 224 -12.00 -7.20 7.63
CA ASP A 224 -12.74 -8.16 6.81
C ASP A 224 -12.81 -9.47 7.62
N LYS A 225 -14.00 -10.04 7.77
CA LYS A 225 -14.17 -11.29 8.56
C LYS A 225 -13.39 -12.44 7.97
N ARG A 226 -13.01 -12.34 6.71
CA ARG A 226 -12.22 -13.39 6.10
C ARG A 226 -10.79 -13.51 6.68
N TRP A 227 -10.19 -12.41 7.11
CA TRP A 227 -8.83 -12.52 7.67
C TRP A 227 -8.54 -11.79 8.95
N VAL A 228 -9.51 -11.05 9.49
CA VAL A 228 -9.21 -10.28 10.69
C VAL A 228 -9.69 -11.08 11.90
N ASP A 229 -8.94 -10.99 13.00
CA ASP A 229 -9.34 -11.63 14.25
C ASP A 229 -10.44 -10.74 14.85
N PRO A 230 -11.66 -11.27 14.97
CA PRO A 230 -12.71 -10.36 15.49
C PRO A 230 -12.40 -9.91 16.94
N ASN A 231 -11.46 -10.60 17.61
CA ASN A 231 -11.07 -10.26 18.98
C ASN A 231 -10.28 -8.94 19.04
N SER A 232 -9.67 -8.62 17.91
CA SER A 232 -8.69 -7.55 17.85
C SER A 232 -9.32 -6.20 18.21
N PRO A 233 -8.54 -5.35 18.92
CA PRO A 233 -9.07 -4.05 19.30
C PRO A 233 -9.28 -3.17 18.06
N VAL A 234 -10.26 -2.28 18.09
CA VAL A 234 -10.52 -1.33 17.02
C VAL A 234 -9.60 -0.12 17.19
N LEU A 235 -8.64 0.04 16.29
CA LEU A 235 -7.61 1.08 16.45
C LEU A 235 -8.21 2.45 16.81
N LEU A 236 -9.20 2.88 16.04
CA LEU A 236 -9.66 4.24 16.18
C LEU A 236 -10.48 4.42 17.45
N GLU A 237 -10.75 3.31 18.16
CA GLU A 237 -11.31 3.39 19.53
C GLU A 237 -10.23 3.53 20.60
N ASP A 238 -8.94 3.52 20.19
CA ASP A 238 -7.87 3.62 21.19
C ASP A 238 -8.03 4.89 22.06
N PRO A 239 -8.03 4.72 23.41
CA PRO A 239 -8.20 5.94 24.26
C PRO A 239 -7.07 7.00 24.15
N VAL A 240 -5.81 6.60 23.98
CA VAL A 240 -4.73 7.59 23.70
C VAL A 240 -5.00 8.38 22.40
N LEU A 241 -5.29 7.67 21.30
CA LEU A 241 -5.65 8.31 20.05
C LEU A 241 -6.87 9.26 20.22
N CYS A 242 -7.93 8.79 20.92
CA CYS A 242 -9.10 9.64 21.19
C CYS A 242 -8.79 10.86 22.09
N ALA A 243 -7.95 10.70 23.11
CA ALA A 243 -7.45 11.85 23.93
C ALA A 243 -6.66 12.87 23.09
N LEU A 244 -5.78 12.36 22.22
CA LEU A 244 -5.03 13.25 21.33
C LEU A 244 -5.93 14.01 20.36
N ALA A 245 -6.98 13.34 19.90
CA ALA A 245 -7.96 13.92 19.00
C ALA A 245 -8.71 15.07 19.66
N LYS A 246 -9.10 14.84 20.90
CA LYS A 246 -9.77 15.84 21.71
C LYS A 246 -8.83 17.02 21.96
N LYS A 247 -7.57 16.76 22.32
CA LYS A 247 -6.58 17.84 22.53
C LYS A 247 -6.41 18.73 21.28
N HIS A 248 -6.28 18.12 20.12
CA HIS A 248 -6.02 18.86 18.88
C HIS A 248 -7.28 19.36 18.19
N LYS A 249 -8.46 19.01 18.72
CA LYS A 249 -9.73 19.22 18.03
C LYS A 249 -9.75 18.60 16.63
N ARG A 250 -9.26 17.36 16.54
CA ARG A 250 -9.31 16.63 15.27
C ARG A 250 -10.07 15.34 15.52
N THR A 251 -9.76 14.29 14.79
CA THR A 251 -10.43 13.03 15.01
C THR A 251 -9.33 11.99 15.24
N PRO A 252 -9.67 10.83 15.83
CA PRO A 252 -8.67 9.77 15.98
C PRO A 252 -8.08 9.31 14.64
N ALA A 253 -8.90 9.29 13.58
CA ALA A 253 -8.35 9.01 12.22
C ALA A 253 -7.25 10.00 11.79
N LEU A 254 -7.48 11.30 11.99
CA LEU A 254 -6.47 12.31 11.68
C LEU A 254 -5.21 12.16 12.51
N ILE A 255 -5.37 11.82 13.79
CA ILE A 255 -4.21 11.62 14.65
C ILE A 255 -3.37 10.43 14.09
N ALA A 256 -4.04 9.34 13.71
CA ALA A 256 -3.35 8.18 13.14
C ALA A 256 -2.62 8.47 11.81
N LEU A 257 -3.26 9.26 10.95
CA LEU A 257 -2.62 9.59 9.66
C LEU A 257 -1.44 10.55 9.89
N ARG A 258 -1.63 11.53 10.77
CA ARG A 258 -0.61 12.57 11.00
C ARG A 258 0.66 11.94 11.63
N TYR A 259 0.45 11.00 12.53
CA TYR A 259 1.53 10.23 13.15
C TYR A 259 2.52 9.66 12.08
N GLN A 260 1.96 9.02 11.05
CA GLN A 260 2.76 8.48 9.96
C GLN A 260 3.50 9.59 9.23
N LEU A 261 2.80 10.68 8.88
CA LEU A 261 3.47 11.77 8.16
C LEU A 261 4.69 12.30 8.89
N GLN A 262 4.59 12.44 10.21
CA GLN A 262 5.69 13.02 10.99
C GLN A 262 6.88 12.08 11.20
N ARG A 263 6.68 10.79 10.96
CA ARG A 263 7.79 9.85 11.09
C ARG A 263 8.37 9.45 9.71
N GLY A 264 7.90 10.15 8.67
CA GLY A 264 8.46 10.01 7.32
C GLY A 264 7.90 8.82 6.57
N VAL A 265 6.68 8.44 6.96
CA VAL A 265 5.96 7.30 6.36
C VAL A 265 4.97 7.93 5.38
N VAL A 266 4.92 7.41 4.14
CA VAL A 266 3.83 7.78 3.20
C VAL A 266 2.56 7.01 3.63
N VAL A 267 1.43 7.68 3.77
CA VAL A 267 0.27 7.02 4.38
C VAL A 267 -0.95 6.94 3.43
N LEU A 268 -1.52 5.74 3.33
CA LEU A 268 -2.76 5.55 2.60
C LEU A 268 -3.94 5.68 3.54
N ALA A 269 -5.08 6.13 3.00
CA ALA A 269 -6.33 6.17 3.77
C ALA A 269 -7.47 5.77 2.81
N LYS A 270 -8.15 4.67 3.10
CA LYS A 270 -9.38 4.30 2.36
C LYS A 270 -10.57 4.92 3.07
N SER A 271 -11.44 5.55 2.28
CA SER A 271 -12.78 5.88 2.78
C SER A 271 -13.71 5.86 1.59
N TYR A 272 -14.89 5.29 1.80
CA TYR A 272 -15.90 5.34 0.75
C TYR A 272 -17.00 6.35 1.11
N ASN A 273 -16.72 7.21 2.09
CA ASN A 273 -17.71 8.13 2.65
C ASN A 273 -17.29 9.53 2.31
N GLU A 274 -18.18 10.31 1.71
CA GLU A 274 -17.78 11.62 1.22
C GLU A 274 -17.25 12.57 2.29
N GLN A 275 -17.83 12.53 3.48
CA GLN A 275 -17.40 13.44 4.54
C GLN A 275 -16.04 13.00 5.08
N ARG A 276 -15.86 11.69 5.25
CA ARG A 276 -14.55 11.20 5.73
C ARG A 276 -13.39 11.41 4.73
N ILE A 277 -13.71 11.36 3.42
CA ILE A 277 -12.72 11.60 2.37
C ILE A 277 -12.18 13.03 2.48
N ARG A 278 -13.11 13.96 2.69
CA ARG A 278 -12.78 15.36 2.80
C ARG A 278 -12.04 15.64 4.12
N GLN A 279 -12.46 14.97 5.19
CA GLN A 279 -11.76 15.10 6.46
C GLN A 279 -10.28 14.68 6.42
N ASN A 280 -9.98 13.57 5.74
CA ASN A 280 -8.65 12.99 5.75
C ASN A 280 -7.59 13.92 5.20
N VAL A 281 -7.97 14.79 4.26
CA VAL A 281 -7.01 15.76 3.70
C VAL A 281 -6.64 16.86 4.71
N GLN A 282 -7.41 16.95 5.81
CA GLN A 282 -7.04 17.85 6.90
C GLN A 282 -5.76 17.43 7.66
N VAL A 283 -5.16 16.28 7.30
CA VAL A 283 -3.96 15.78 7.99
C VAL A 283 -2.82 16.82 7.88
N PHE A 284 -2.84 17.60 6.80
CA PHE A 284 -1.83 18.65 6.56
C PHE A 284 -1.98 19.94 7.40
N GLU A 285 -3.08 20.04 8.13
CA GLU A 285 -3.50 21.27 8.83
C GLU A 285 -3.01 21.43 10.25
N PHE A 286 -2.44 20.38 10.84
CA PHE A 286 -2.04 20.44 12.22
C PHE A 286 -0.77 19.61 12.48
N GLN A 287 -0.19 19.80 13.65
CA GLN A 287 1.08 19.15 14.01
C GLN A 287 0.94 18.50 15.39
N LEU A 288 1.36 17.25 15.50
CA LEU A 288 1.50 16.57 16.78
C LEU A 288 2.83 16.97 17.39
N THR A 289 2.85 17.17 18.70
CA THR A 289 4.10 17.53 19.42
C THR A 289 5.03 16.31 19.58
N ALA A 290 6.29 16.57 19.96
CA ALA A 290 7.25 15.51 20.29
C ALA A 290 6.67 14.52 21.32
N GLU A 291 5.95 15.03 22.32
CA GLU A 291 5.35 14.19 23.37
C GLU A 291 4.14 13.42 22.82
N ASP A 292 3.35 14.06 21.96
CA ASP A 292 2.26 13.34 21.29
C ASP A 292 2.85 12.11 20.56
N MET A 293 3.92 12.33 19.82
CA MET A 293 4.49 11.27 18.98
C MET A 293 5.01 10.11 19.88
N LYS A 294 5.66 10.46 20.99
CA LYS A 294 6.19 9.46 21.90
C LYS A 294 5.03 8.66 22.49
N ALA A 295 3.94 9.34 22.84
CA ALA A 295 2.73 8.67 23.38
C ALA A 295 2.16 7.68 22.36
N ILE A 296 2.08 8.11 21.10
CA ILE A 296 1.62 7.19 20.05
C ILE A 296 2.58 6.02 19.84
N ASP A 297 3.90 6.27 19.88
CA ASP A 297 4.91 5.20 19.81
C ASP A 297 4.68 4.11 20.89
N GLY A 298 4.23 4.53 22.07
CA GLY A 298 3.99 3.58 23.16
C GLY A 298 2.81 2.66 22.94
N LEU A 299 1.97 2.92 21.92
CA LEU A 299 0.81 2.05 21.64
C LEU A 299 1.12 0.70 20.97
N ASP A 300 2.35 0.57 20.44
CA ASP A 300 2.76 -0.57 19.61
C ASP A 300 2.47 -1.86 20.32
N ARG A 301 1.74 -2.73 19.64
CA ARG A 301 1.44 -4.04 20.16
C ARG A 301 1.93 -5.08 19.19
N ASN A 302 2.70 -4.67 18.16
CA ASN A 302 3.02 -5.57 17.08
C ASN A 302 1.81 -6.33 16.52
N LEU A 303 0.72 -5.63 16.31
CA LEU A 303 -0.54 -6.24 15.94
C LEU A 303 -0.79 -6.12 14.45
N HIS A 304 -0.62 -7.18 13.67
CA HIS A 304 -1.16 -7.15 12.31
C HIS A 304 -2.59 -7.65 12.26
N TYR A 305 -3.47 -6.80 11.69
CA TYR A 305 -4.87 -7.15 11.51
C TYR A 305 -5.11 -8.26 10.47
N PHE A 306 -4.31 -8.30 9.39
CA PHE A 306 -4.32 -9.41 8.47
C PHE A 306 -3.65 -10.56 9.21
N ASN A 307 -4.48 -11.54 9.57
CA ASN A 307 -4.12 -12.53 10.57
C ASN A 307 -4.87 -13.85 10.39
N SER A 308 -4.64 -14.51 9.26
CA SER A 308 -5.35 -15.73 8.90
C SER A 308 -4.42 -16.90 8.55
N ASP A 309 -4.81 -18.11 8.94
CA ASP A 309 -4.08 -19.32 8.61
C ASP A 309 -3.78 -19.45 7.12
N SER A 310 -4.70 -18.96 6.27
CA SER A 310 -4.58 -19.21 4.82
C SER A 310 -3.20 -18.77 4.29
N PHE A 311 -2.75 -17.61 4.76
CA PHE A 311 -1.48 -17.05 4.37
C PHE A 311 -0.41 -17.21 5.43
N ALA A 312 -0.79 -17.37 6.71
CA ALA A 312 0.23 -17.60 7.76
C ALA A 312 0.97 -18.93 7.57
N SER A 313 0.32 -19.86 6.86
CA SER A 313 0.91 -21.14 6.51
C SER A 313 1.97 -21.02 5.41
N HIS A 314 1.99 -19.91 4.68
CA HIS A 314 2.87 -19.80 3.51
C HIS A 314 4.31 -19.70 3.97
N PRO A 315 5.25 -20.48 3.35
CA PRO A 315 6.68 -20.46 3.74
C PRO A 315 7.31 -19.06 3.75
N ASN A 316 6.82 -18.17 2.89
CA ASN A 316 7.40 -16.82 2.83
C ASN A 316 6.53 -15.73 3.51
N TYR A 317 5.69 -16.15 4.46
CA TYR A 317 4.90 -15.25 5.30
C TYR A 317 5.83 -14.25 5.92
N PRO A 318 5.59 -12.93 5.73
CA PRO A 318 6.58 -12.01 6.26
C PRO A 318 6.62 -11.86 7.79
N TYR A 319 5.59 -12.34 8.48
CA TYR A 319 5.49 -12.09 9.93
C TYR A 319 6.13 -13.15 10.84
N SER A 320 6.72 -14.17 10.24
CA SER A 320 7.58 -15.09 10.99
C SER A 320 8.82 -14.42 11.64
N ASP A 321 9.50 -13.54 10.87
CA ASP A 321 10.70 -12.83 11.36
C ASP A 321 10.40 -11.76 12.42
N GLU A 322 11.39 -11.39 13.22
CA GLU A 322 11.18 -10.31 14.20
C GLU A 322 10.72 -9.04 13.48
N TYR A 323 11.42 -8.69 12.39
CA TYR A 323 10.97 -7.63 11.44
C TYR A 323 11.65 -7.84 10.08
C ACT B . -4.88 -5.72 -0.20
O ACT B . -4.00 -5.17 -0.99
OXT ACT B . -5.94 -5.19 0.25
CH3 ACT B . -4.57 -7.09 0.29
PA NAP C . -7.77 1.91 6.23
O1A NAP C . -7.11 1.49 7.52
O2A NAP C . -7.22 2.95 5.36
O5B NAP C . -9.25 2.25 6.58
C5B NAP C . -10.09 1.59 7.52
C4B NAP C . -11.49 2.16 7.59
O4B NAP C . -11.34 3.49 8.13
C3B NAP C . -12.12 2.39 6.22
O3B NAP C . -12.89 1.24 5.88
C2B NAP C . -12.93 3.67 6.43
O2B NAP C . -14.36 3.39 6.51
C1B NAP C . -12.52 4.25 7.79
N9A NAP C . -12.18 5.65 7.78
C8A NAP C . -11.52 6.38 6.83
N7A NAP C . -11.41 7.65 7.25
C5A NAP C . -12.00 7.70 8.44
C6A NAP C . -12.15 8.77 9.27
N6A NAP C . -11.70 9.97 8.98
N1A NAP C . -12.81 8.60 10.47
C2A NAP C . -13.26 7.39 10.79
N3A NAP C . -13.13 6.34 9.99
C4A NAP C . -12.48 6.48 8.79
O3 NAP C . -8.07 0.71 5.22
PN NAP C . -7.32 -0.42 4.47
O1N NAP C . -6.87 -1.51 5.33
O2N NAP C . -8.28 -0.69 3.43
O5D NAP C . -6.00 0.18 3.75
C5D NAP C . -6.21 1.33 2.93
C4D NAP C . -5.73 0.98 1.54
O4D NAP C . -4.41 0.44 1.58
C3D NAP C . -6.52 -0.17 0.84
O3D NAP C . -7.75 0.36 0.27
C2D NAP C . -5.51 -0.55 -0.28
O2D NAP C . -5.46 0.51 -1.29
C1D NAP C . -4.26 -0.57 0.55
N1N NAP C . -3.93 -1.87 1.12
C2N NAP C . -2.82 -2.57 0.59
C3N NAP C . -2.50 -3.82 1.12
C7N NAP C . -1.31 -4.61 0.57
O7N NAP C . -1.20 -5.81 0.84
N7N NAP C . -0.46 -3.87 -0.13
C4N NAP C . -3.29 -4.38 2.16
C5N NAP C . -4.40 -3.65 2.69
C6N NAP C . -4.71 -2.40 2.19
P2B NAP C . -15.40 4.23 5.56
O1X NAP C . -15.04 3.72 4.17
O2X NAP C . -16.77 3.93 6.05
O3X NAP C . -15.05 5.68 5.76
C1 ASD D . -5.27 -11.13 0.02
C10 ASD D . -4.94 -11.07 1.58
C11 ASD D . -2.49 -10.04 1.11
C12 ASD D . -1.05 -10.46 1.50
C13 ASD D . -0.82 -10.08 3.03
C14 ASD D . -1.52 -11.07 3.81
C15 ASD D . -1.23 -10.79 5.29
C16 ASD D . 0.33 -10.65 5.14
C17 ASD D . 0.56 -10.19 3.64
C18 ASD D . -1.24 -8.59 3.25
C19 ASD D . -5.59 -9.76 2.05
C2 ASD D . -6.20 -12.21 -0.59
C3 ASD D . -6.75 -13.26 0.37
C4 ASD D . -6.35 -13.19 1.79
C5 ASD D . -5.60 -12.26 2.37
C6 ASD D . -5.34 -12.29 3.89
C7 ASD D . -3.88 -12.14 4.26
C8 ASD D . -3.09 -11.01 3.48
C9 ASD D . -3.36 -11.16 1.89
O1 ASD D . -7.47 -14.16 -0.03
O2 ASD D . 1.64 -10.05 3.07
#